data_5SPI
#
_entry.id   5SPI
#
_cell.length_a   88.727
_cell.length_b   88.727
_cell.length_c   39.521
_cell.angle_alpha   90.000
_cell.angle_beta   90.000
_cell.angle_gamma   90.000
#
_symmetry.space_group_name_H-M   'P 43'
#
loop_
_entity.id
_entity.type
_entity.pdbx_description
1 polymer 'Non-structural protein 3'
2 non-polymer '(1S,2S)-1-{4-[(cyclopropanecarbonyl)amino]benzamido}-2,3-dihydro-1H-indene-2-carboxylic acid'
3 non-polymer '(1R,2R)-1-{4-[(cyclopropanecarbonyl)amino]benzamido}-2,3-dihydro-1H-indene-2-carboxylic acid'
4 water water
#
_entity_poly.entity_id   1
_entity_poly.type   'polypeptide(L)'
_entity_poly.pdbx_seq_one_letter_code
;SMVNSFSGYLKLTDNVYIKNADIVEEAKKVKPTVVVNAANVYLKHGGGVAGALNKATNNAMQVESDDYIATNGPLKVGGS
CVLSGHNLAKHCLHVVGPNVNKGEDIQLLKSAYENFNQHEVLLAPLLSAGIFGADPIHSLRVCVDTVRTNVYLAVFDKNL
YDKLVSSFL
;
_entity_poly.pdbx_strand_id   A,B
#
loop_
_chem_comp.id
_chem_comp.type
_chem_comp.name
_chem_comp.formula
S1X non-polymer '(1S,2S)-1-{4-[(cyclopropanecarbonyl)amino]benzamido}-2,3-dihydro-1H-indene-2-carboxylic acid' 'C21 H20 N2 O4'
S2R non-polymer '(1R,2R)-1-{4-[(cyclopropanecarbonyl)amino]benzamido}-2,3-dihydro-1H-indene-2-carboxylic acid' 'C21 H20 N2 O4'
#
# COMPACT_ATOMS: atom_id res chain seq x y z
N VAL A 3 10.49 22.72 0.04
CA VAL A 3 11.82 22.47 0.58
C VAL A 3 11.71 21.60 1.84
N ASN A 4 12.60 20.60 1.96
CA ASN A 4 12.69 19.78 3.16
C ASN A 4 14.14 19.71 3.64
N SER A 5 14.33 19.01 4.76
N SER A 5 14.37 19.06 4.77
CA SER A 5 15.58 19.01 5.51
CA SER A 5 15.65 19.05 5.49
C SER A 5 16.55 17.90 5.09
C SER A 5 16.57 17.89 5.10
N PHE A 6 16.16 17.03 4.16
CA PHE A 6 17.06 15.96 3.73
C PHE A 6 18.27 16.54 2.99
N SER A 7 19.48 16.08 3.35
CA SER A 7 20.72 16.70 2.87
C SER A 7 21.66 15.63 2.28
N GLY A 8 22.39 15.99 1.21
CA GLY A 8 23.41 15.11 0.67
C GLY A 8 22.87 13.98 -0.21
N TYR A 9 21.61 14.06 -0.65
N TYR A 9 21.60 13.97 -0.54
CA TYR A 9 21.04 13.03 -1.50
CA TYR A 9 21.02 12.88 -1.33
C TYR A 9 21.37 13.28 -2.97
C TYR A 9 21.21 13.14 -2.83
N LEU A 10 21.57 12.19 -3.70
N LEU A 10 21.42 12.05 -3.59
CA LEU A 10 21.62 12.22 -5.16
CA LEU A 10 21.59 12.14 -5.04
C LEU A 10 20.18 12.04 -5.65
C LEU A 10 20.22 11.92 -5.73
N LYS A 11 19.78 12.88 -6.56
CA LYS A 11 18.47 12.82 -7.19
C LYS A 11 18.47 11.79 -8.32
N LEU A 12 17.63 10.75 -8.23
CA LEU A 12 17.54 9.76 -9.30
C LEU A 12 16.45 10.09 -10.30
N THR A 13 15.30 10.55 -9.80
CA THR A 13 14.15 10.89 -10.63
C THR A 13 13.47 12.12 -10.05
N ASP A 14 12.32 12.47 -10.63
CA ASP A 14 11.52 13.56 -10.11
C ASP A 14 11.27 13.42 -8.62
N ASN A 15 11.06 12.17 -8.15
CA ASN A 15 10.58 11.96 -6.78
C ASN A 15 11.43 11.03 -5.91
N VAL A 16 12.48 10.43 -6.45
CA VAL A 16 13.30 9.47 -5.72
C VAL A 16 14.71 9.99 -5.59
N TYR A 17 15.21 9.94 -4.35
CA TYR A 17 16.52 10.42 -3.94
C TYR A 17 17.22 9.29 -3.18
N ILE A 18 18.57 9.29 -3.21
CA ILE A 18 19.32 8.20 -2.61
C ILE A 18 20.61 8.72 -1.96
N LYS A 19 21.01 8.09 -0.86
CA LYS A 19 22.19 8.49 -0.10
C LYS A 19 22.81 7.27 0.57
N ASN A 20 24.13 7.27 0.64
N ASN A 20 24.15 7.24 0.67
CA ASN A 20 24.84 6.29 1.46
CA ASN A 20 24.82 6.18 1.44
C ASN A 20 24.74 6.77 2.90
C ASN A 20 24.85 6.62 2.90
N ALA A 21 23.88 6.12 3.69
N ALA A 21 23.94 6.09 3.72
CA ALA A 21 23.66 6.57 5.05
CA ALA A 21 23.86 6.53 5.11
C ALA A 21 23.08 5.44 5.88
C ALA A 21 23.17 5.47 5.98
N ASP A 22 23.31 5.53 7.19
N ASP A 22 23.45 5.52 7.29
CA ASP A 22 22.68 4.68 8.18
CA ASP A 22 22.80 4.64 8.26
C ASP A 22 21.31 5.24 8.48
C ASP A 22 21.41 5.21 8.60
N ILE A 23 20.25 4.50 8.14
N ILE A 23 20.36 4.45 8.29
CA ILE A 23 18.89 5.03 8.29
CA ILE A 23 18.98 4.93 8.48
C ILE A 23 18.58 5.43 9.73
C ILE A 23 18.71 5.33 9.92
N VAL A 24 19.21 4.76 10.69
N VAL A 24 19.27 4.59 10.89
CA VAL A 24 19.03 5.13 12.10
CA VAL A 24 19.11 4.96 12.31
C VAL A 24 19.58 6.52 12.35
C VAL A 24 19.58 6.40 12.53
N GLU A 25 20.81 6.77 11.91
N GLU A 25 20.79 6.72 12.06
CA GLU A 25 21.44 8.07 12.10
CA GLU A 25 21.34 8.07 12.23
C GLU A 25 20.72 9.14 11.32
C GLU A 25 20.56 9.09 11.41
N GLU A 26 20.27 8.79 10.13
CA GLU A 26 19.55 9.73 9.31
C GLU A 26 18.21 10.10 9.96
N ALA A 27 17.49 9.12 10.50
CA ALA A 27 16.23 9.39 11.17
C ALA A 27 16.46 10.28 12.40
N LYS A 28 17.48 9.96 13.19
CA LYS A 28 17.80 10.75 14.38
C LYS A 28 18.07 12.22 14.04
N LYS A 29 18.64 12.50 12.88
N LYS A 29 18.71 12.47 12.90
CA LYS A 29 19.01 13.87 12.53
CA LYS A 29 19.09 13.82 12.48
C LYS A 29 17.88 14.62 11.87
C LYS A 29 17.89 14.59 11.90
N VAL A 30 17.14 13.97 10.99
CA VAL A 30 16.07 14.63 10.26
C VAL A 30 14.76 14.64 11.05
N LYS A 31 14.48 13.59 11.83
CA LYS A 31 13.20 13.42 12.49
C LYS A 31 12.08 13.53 11.45
N PRO A 32 12.11 12.69 10.41
CA PRO A 32 11.13 12.78 9.34
C PRO A 32 9.73 12.47 9.86
N THR A 33 8.74 12.94 9.11
CA THR A 33 7.35 12.57 9.40
C THR A 33 7.18 11.06 9.38
N VAL A 34 7.79 10.38 8.40
CA VAL A 34 7.66 8.93 8.24
C VAL A 34 9.04 8.32 8.00
N VAL A 35 9.41 7.34 8.84
CA VAL A 35 10.50 6.42 8.55
C VAL A 35 9.89 5.06 8.25
N VAL A 36 10.37 4.41 7.19
CA VAL A 36 9.92 3.07 6.83
C VAL A 36 10.80 2.03 7.48
N ASN A 37 10.16 1.04 8.09
CA ASN A 37 10.83 -0.15 8.59
C ASN A 37 10.67 -1.31 7.62
N ALA A 38 11.76 -2.06 7.44
CA ALA A 38 11.77 -3.33 6.71
C ALA A 38 11.27 -4.43 7.64
N ALA A 39 9.95 -4.49 7.78
CA ALA A 39 9.29 -5.35 8.75
C ALA A 39 9.02 -6.75 8.19
N ASN A 40 8.75 -7.68 9.10
CA ASN A 40 8.15 -8.96 8.76
C ASN A 40 6.71 -8.99 9.29
N VAL A 41 5.96 -10.03 8.90
CA VAL A 41 4.52 -10.06 9.20
C VAL A 41 4.22 -10.12 10.68
N TYR A 42 5.18 -10.59 11.49
CA TYR A 42 5.01 -10.70 12.93
C TYR A 42 5.51 -9.47 13.68
N LEU A 43 6.04 -8.48 12.95
CA LEU A 43 6.70 -7.32 13.55
C LEU A 43 7.72 -7.73 14.61
N LYS A 44 8.47 -8.79 14.32
CA LYS A 44 9.58 -9.23 15.17
C LYS A 44 10.85 -8.57 14.64
N HIS A 45 11.31 -7.52 15.32
N HIS A 45 11.32 -7.54 15.33
CA HIS A 45 12.37 -6.66 14.80
CA HIS A 45 12.49 -6.76 14.90
C HIS A 45 13.73 -7.15 15.28
C HIS A 45 13.75 -7.38 15.51
N GLY A 46 14.17 -8.26 14.72
N GLY A 46 14.33 -8.35 14.80
CA GLY A 46 15.34 -8.93 15.26
CA GLY A 46 15.55 -9.03 15.25
C GLY A 46 16.66 -8.52 14.66
C GLY A 46 16.82 -8.47 14.65
N GLY A 47 16.68 -8.16 13.39
N GLY A 47 16.86 -8.25 13.33
CA GLY A 47 17.92 -7.91 12.69
CA GLY A 47 18.08 -7.78 12.68
C GLY A 47 17.68 -7.06 11.46
C GLY A 47 17.80 -6.91 11.46
N GLY A 48 18.75 -6.84 10.71
N GLY A 48 18.88 -6.46 10.81
CA GLY A 48 18.66 -5.97 9.57
CA GLY A 48 18.72 -5.59 9.63
C GLY A 48 18.25 -4.57 9.98
C GLY A 48 18.14 -4.23 10.02
N VAL A 49 17.56 -3.89 9.08
N VAL A 49 17.31 -3.67 9.13
CA VAL A 49 17.06 -2.55 9.37
CA VAL A 49 16.68 -2.38 9.41
C VAL A 49 16.15 -2.56 10.59
C VAL A 49 15.81 -2.47 10.66
N ALA A 50 15.25 -3.54 10.67
N ALA A 50 14.94 -3.48 10.71
CA ALA A 50 14.28 -3.55 11.77
CA ALA A 50 14.04 -3.66 11.85
C ALA A 50 14.97 -3.68 13.12
C ALA A 50 14.83 -3.77 13.17
N GLY A 51 15.87 -4.62 13.22
CA GLY A 51 16.63 -4.77 14.45
C GLY A 51 17.37 -3.51 14.85
N ALA A 52 17.93 -2.80 13.85
CA ALA A 52 18.64 -1.55 14.12
C ALA A 52 17.70 -0.43 14.58
N LEU A 53 16.60 -0.24 13.86
N LEU A 53 16.58 -0.22 13.86
CA LEU A 53 15.62 0.77 14.27
CA LEU A 53 15.63 0.80 14.31
C LEU A 53 15.10 0.47 15.67
C LEU A 53 15.11 0.46 15.70
N ASN A 54 14.75 -0.79 15.93
CA ASN A 54 14.19 -1.14 17.23
C ASN A 54 15.20 -0.89 18.35
N LYS A 55 16.46 -1.28 18.14
CA LYS A 55 17.51 -1.03 19.13
C LYS A 55 17.62 0.45 19.44
N ALA A 56 17.53 1.30 18.41
CA ALA A 56 17.63 2.74 18.60
C ALA A 56 16.47 3.30 19.44
N THR A 57 15.32 2.62 19.46
CA THR A 57 14.19 2.99 20.32
C THR A 57 14.25 2.36 21.69
N ASN A 58 15.35 1.67 22.03
CA ASN A 58 15.47 1.03 23.35
C ASN A 58 14.38 -0.02 23.54
N ASN A 59 13.99 -0.70 22.44
CA ASN A 59 12.99 -1.77 22.40
C ASN A 59 11.55 -1.25 22.51
N ALA A 60 11.32 0.06 22.55
CA ALA A 60 9.94 0.54 22.60
C ALA A 60 9.18 0.18 21.32
N MET A 61 9.85 0.18 20.18
CA MET A 61 9.19 -0.25 18.94
C MET A 61 8.67 -1.68 19.06
N GLN A 62 9.48 -2.59 19.63
CA GLN A 62 9.05 -3.97 19.79
C GLN A 62 7.87 -4.09 20.75
N VAL A 63 7.91 -3.35 21.87
CA VAL A 63 6.81 -3.40 22.82
C VAL A 63 5.50 -2.97 22.16
N GLU A 64 5.54 -1.85 21.43
CA GLU A 64 4.37 -1.37 20.73
C GLU A 64 3.90 -2.37 19.68
N SER A 65 4.85 -2.96 18.97
CA SER A 65 4.54 -3.91 17.92
C SER A 65 3.88 -5.18 18.47
N ASP A 66 4.34 -5.65 19.62
CA ASP A 66 3.75 -6.86 20.21
C ASP A 66 2.30 -6.62 20.58
N ASP A 67 1.98 -5.43 21.10
CA ASP A 67 0.59 -5.10 21.37
C ASP A 67 -0.22 -5.01 20.07
N TYR A 68 0.36 -4.44 19.01
CA TYR A 68 -0.34 -4.37 17.72
C TYR A 68 -0.71 -5.77 17.22
N ILE A 69 0.26 -6.70 17.28
CA ILE A 69 0.01 -8.05 16.77
C ILE A 69 -1.00 -8.78 17.65
N ALA A 70 -0.90 -8.60 18.97
CA ALA A 70 -1.86 -9.26 19.86
C ALA A 70 -3.29 -8.83 19.55
N THR A 71 -3.47 -7.58 19.13
CA THR A 71 -4.80 -7.08 18.81
C THR A 71 -5.24 -7.44 17.40
N ASN A 72 -4.34 -7.34 16.42
CA ASN A 72 -4.71 -7.35 15.01
C ASN A 72 -4.25 -8.59 14.25
N GLY A 73 -3.37 -9.39 14.81
CA GLY A 73 -2.78 -10.48 14.07
C GLY A 73 -1.72 -10.00 13.09
N PRO A 74 -1.09 -10.94 12.41
CA PRO A 74 0.02 -10.60 11.52
C PRO A 74 -0.41 -9.75 10.33
N LEU A 75 0.57 -9.00 9.82
CA LEU A 75 0.41 -8.32 8.55
C LEU A 75 0.42 -9.34 7.41
N LYS A 76 0.08 -8.86 6.21
CA LYS A 76 0.24 -9.59 4.96
C LYS A 76 1.61 -9.27 4.37
N VAL A 77 2.23 -10.24 3.69
CA VAL A 77 3.37 -9.91 2.84
C VAL A 77 2.90 -8.95 1.76
N GLY A 78 3.58 -7.82 1.61
CA GLY A 78 3.15 -6.73 0.75
C GLY A 78 2.36 -5.67 1.47
N GLY A 79 1.99 -5.90 2.73
CA GLY A 79 1.20 -4.97 3.50
C GLY A 79 2.02 -4.10 4.44
N SER A 80 1.31 -3.32 5.23
CA SER A 80 1.95 -2.34 6.10
C SER A 80 1.01 -1.96 7.24
N CYS A 81 1.61 -1.32 8.25
CA CYS A 81 0.83 -0.62 9.26
C CYS A 81 1.62 0.60 9.70
N VAL A 82 0.90 1.61 10.19
CA VAL A 82 1.49 2.83 10.72
C VAL A 82 1.50 2.74 12.24
N LEU A 83 2.69 2.85 12.84
CA LEU A 83 2.84 2.90 14.29
C LEU A 83 3.67 4.13 14.64
N SER A 84 3.97 4.28 15.92
CA SER A 84 4.77 5.41 16.35
C SER A 84 6.18 5.36 15.76
N GLY A 85 6.75 6.54 15.51
CA GLY A 85 8.15 6.63 15.18
C GLY A 85 9.06 6.79 16.37
N HIS A 86 8.51 6.81 17.58
CA HIS A 86 9.30 6.88 18.81
C HIS A 86 10.24 8.08 18.73
N ASN A 87 11.51 7.89 19.04
CA ASN A 87 12.51 8.94 19.02
C ASN A 87 13.12 9.14 17.65
N LEU A 88 12.64 8.44 16.63
CA LEU A 88 13.27 8.49 15.31
C LEU A 88 12.50 9.31 14.28
N ALA A 89 11.19 9.46 14.44
CA ALA A 89 10.32 10.03 13.42
C ALA A 89 8.96 10.25 14.09
N LYS A 90 8.08 10.99 13.41
CA LYS A 90 6.71 11.07 13.92
C LYS A 90 6.05 9.70 13.88
N HIS A 91 6.13 9.04 12.72
CA HIS A 91 5.50 7.76 12.48
C HIS A 91 6.53 6.80 11.89
N CYS A 92 6.31 5.51 12.15
CA CYS A 92 7.00 4.44 11.45
C CYS A 92 6.00 3.67 10.61
N LEU A 93 6.26 3.64 9.30
CA LEU A 93 5.49 2.79 8.39
C LEU A 93 6.21 1.45 8.29
N HIS A 94 5.65 0.43 8.94
CA HIS A 94 6.20 -0.92 8.89
C HIS A 94 5.70 -1.58 7.61
N VAL A 95 6.60 -1.86 6.67
CA VAL A 95 6.24 -2.41 5.37
C VAL A 95 6.89 -3.79 5.23
N VAL A 96 6.10 -4.78 4.81
CA VAL A 96 6.59 -6.15 4.66
C VAL A 96 6.86 -6.41 3.18
N GLY A 97 8.12 -6.36 2.78
CA GLY A 97 8.51 -6.87 1.49
C GLY A 97 8.65 -8.38 1.54
N PRO A 98 8.57 -9.04 0.38
CA PRO A 98 8.80 -10.50 0.36
C PRO A 98 10.22 -10.84 0.78
N ASN A 99 10.35 -11.91 1.55
CA ASN A 99 11.65 -12.42 1.99
C ASN A 99 11.99 -13.63 1.11
N VAL A 100 12.96 -13.43 0.20
CA VAL A 100 13.39 -14.51 -0.70
C VAL A 100 13.94 -15.69 0.09
N ASN A 101 14.59 -15.45 1.24
CA ASN A 101 15.09 -16.54 2.08
C ASN A 101 13.97 -17.33 2.78
N LYS A 102 12.69 -16.94 2.61
CA LYS A 102 11.51 -17.72 3.00
C LYS A 102 10.71 -18.22 1.79
N GLY A 103 11.16 -17.94 0.56
CA GLY A 103 10.47 -18.35 -0.67
C GLY A 103 9.26 -17.53 -1.09
N GLU A 104 9.13 -16.28 -0.65
CA GLU A 104 7.98 -15.44 -0.98
C GLU A 104 8.10 -14.83 -2.38
N ASP A 105 6.95 -14.54 -2.97
N ASP A 105 6.93 -14.55 -3.00
CA ASP A 105 6.88 -14.16 -4.38
CA ASP A 105 6.84 -14.16 -4.40
C ASP A 105 7.40 -12.73 -4.54
C ASP A 105 7.34 -12.73 -4.59
N ILE A 106 8.38 -12.55 -5.41
CA ILE A 106 9.03 -11.26 -5.58
C ILE A 106 8.10 -10.26 -6.21
N GLN A 107 7.08 -10.74 -6.92
N GLN A 107 7.05 -10.72 -6.95
CA GLN A 107 6.09 -9.83 -7.47
CA GLN A 107 6.03 -9.82 -7.49
C GLN A 107 5.42 -9.02 -6.37
C GLN A 107 5.34 -9.04 -6.38
N LEU A 108 5.44 -9.53 -5.13
CA LEU A 108 4.82 -8.81 -4.02
C LEU A 108 5.62 -7.57 -3.66
N LEU A 109 6.82 -7.41 -4.23
CA LEU A 109 7.62 -6.23 -3.94
C LEU A 109 6.92 -4.96 -4.43
N LYS A 110 6.25 -5.03 -5.58
CA LYS A 110 5.53 -3.85 -6.07
C LYS A 110 4.41 -3.47 -5.10
N SER A 111 3.63 -4.46 -4.65
CA SER A 111 2.57 -4.20 -3.67
C SER A 111 3.14 -3.55 -2.41
N ALA A 112 4.30 -4.03 -1.96
CA ALA A 112 4.93 -3.47 -0.77
C ALA A 112 5.25 -1.98 -0.98
N TYR A 113 5.85 -1.64 -2.12
CA TYR A 113 6.18 -0.24 -2.37
C TYR A 113 4.94 0.63 -2.54
N GLU A 114 3.81 0.07 -2.99
CA GLU A 114 2.59 0.88 -3.13
C GLU A 114 2.18 1.52 -1.81
N ASN A 115 2.53 0.90 -0.67
CA ASN A 115 2.20 1.50 0.61
C ASN A 115 2.83 2.88 0.77
N PHE A 116 3.98 3.12 0.13
CA PHE A 116 4.64 4.41 0.27
C PHE A 116 3.79 5.54 -0.30
N ASN A 117 2.90 5.24 -1.27
CA ASN A 117 2.12 6.29 -1.93
C ASN A 117 1.08 6.92 -1.02
N GLN A 118 0.84 6.34 0.16
CA GLN A 118 -0.08 6.92 1.12
C GLN A 118 0.58 8.00 1.97
N HIS A 119 1.84 8.33 1.70
CA HIS A 119 2.60 9.29 2.50
C HIS A 119 3.36 10.22 1.56
N GLU A 120 3.25 11.53 1.80
CA GLU A 120 3.80 12.49 0.85
C GLU A 120 5.33 12.46 0.79
N VAL A 121 5.97 12.20 1.92
CA VAL A 121 7.43 12.18 2.04
C VAL A 121 7.83 11.07 3.00
N LEU A 122 8.87 10.30 2.65
CA LEU A 122 9.31 9.18 3.50
C LEU A 122 10.82 9.05 3.43
N LEU A 123 11.41 8.64 4.56
CA LEU A 123 12.76 8.11 4.63
C LEU A 123 12.66 6.60 4.66
N ALA A 124 13.38 5.91 3.78
N ALA A 124 13.38 5.89 3.78
CA ALA A 124 13.14 4.48 3.63
CA ALA A 124 13.18 4.44 3.77
C ALA A 124 14.40 3.72 3.27
C ALA A 124 14.40 3.72 3.23
N PRO A 125 14.44 2.43 3.59
N PRO A 125 14.48 2.39 3.45
CA PRO A 125 15.44 1.53 3.02
CA PRO A 125 15.54 1.53 2.87
C PRO A 125 14.86 0.91 1.75
C PRO A 125 15.02 0.89 1.59
N LEU A 126 15.74 0.26 0.99
N LEU A 126 15.86 0.09 0.92
CA LEU A 126 15.28 -0.55 -0.14
CA LEU A 126 15.40 -0.68 -0.25
C LEU A 126 14.59 -1.81 0.36
C LEU A 126 14.63 -1.92 0.22
N LEU A 127 13.32 -1.95 0.00
N LEU A 127 13.33 -1.99 -0.09
CA LEU A 127 12.54 -3.09 0.47
CA LEU A 127 12.49 -3.11 0.33
C LEU A 127 13.08 -4.39 -0.11
C LEU A 127 12.97 -4.42 -0.28
N SER A 128 13.04 -5.42 0.72
N SER A 128 13.00 -5.47 0.55
CA SER A 128 13.46 -6.77 0.39
CA SER A 128 13.40 -6.84 0.20
C SER A 128 14.96 -6.91 0.18
C SER A 128 14.89 -6.99 -0.09
N ALA A 129 15.74 -5.84 0.38
N ALA A 129 15.71 -5.98 0.23
CA ALA A 129 17.19 -5.90 0.28
CA ALA A 129 17.15 -6.06 0.03
C ALA A 129 17.78 -6.48 1.57
C ALA A 129 17.83 -6.53 1.32
N GLY A 130 19.11 -6.51 1.63
N GLY A 130 19.17 -6.43 1.38
CA GLY A 130 19.76 -7.00 2.84
CA GLY A 130 19.89 -6.83 2.59
C GLY A 130 19.35 -8.44 3.13
C GLY A 130 19.60 -8.29 2.94
N ILE A 131 19.04 -8.70 4.40
N ILE A 131 19.12 -8.53 4.16
CA ILE A 131 18.74 -10.07 4.84
CA ILE A 131 18.88 -9.88 4.66
C ILE A 131 17.43 -10.61 4.27
C ILE A 131 17.60 -10.51 4.11
N PHE A 132 16.62 -9.77 3.58
N PHE A 132 16.78 -9.76 3.38
CA PHE A 132 15.45 -10.28 2.90
CA PHE A 132 15.57 -10.32 2.76
C PHE A 132 15.78 -10.94 1.56
C PHE A 132 15.86 -11.13 1.52
N GLY A 133 17.00 -10.81 1.06
N GLY A 133 17.04 -10.96 0.89
CA GLY A 133 17.49 -11.68 0.02
CA GLY A 133 17.52 -11.84 -0.16
C GLY A 133 17.22 -11.28 -1.41
C GLY A 133 17.26 -11.40 -1.59
N ALA A 134 16.54 -10.16 -1.67
N ALA A 134 16.45 -10.36 -1.83
CA ALA A 134 16.30 -9.75 -3.04
CA ALA A 134 16.20 -9.98 -3.21
C ALA A 134 17.52 -8.98 -3.58
C ALA A 134 17.30 -9.04 -3.73
N ASP A 135 17.54 -8.84 -4.89
N ASP A 135 17.42 -8.95 -5.05
CA ASP A 135 18.56 -8.03 -5.56
CA ASP A 135 18.47 -8.13 -5.69
C ASP A 135 18.25 -6.56 -5.33
C ASP A 135 18.22 -6.65 -5.43
N PRO A 136 19.13 -5.81 -4.66
N PRO A 136 19.16 -5.91 -4.82
CA PRO A 136 18.83 -4.38 -4.41
CA PRO A 136 18.94 -4.47 -4.54
C PRO A 136 18.68 -3.55 -5.67
C PRO A 136 18.75 -3.63 -5.79
N ILE A 137 19.38 -3.89 -6.76
N ILE A 137 19.42 -3.98 -6.90
CA ILE A 137 19.19 -3.18 -8.01
CA ILE A 137 19.22 -3.25 -8.15
C ILE A 137 17.75 -3.32 -8.49
C ILE A 137 17.77 -3.34 -8.55
N HIS A 138 17.19 -4.55 -8.41
CA HIS A 138 15.79 -4.75 -8.74
C HIS A 138 14.87 -3.98 -7.81
N SER A 139 15.17 -4.00 -6.51
CA SER A 139 14.33 -3.25 -5.57
C SER A 139 14.30 -1.76 -5.91
N LEU A 140 15.45 -1.19 -6.27
CA LEU A 140 15.47 0.22 -6.63
C LEU A 140 14.62 0.48 -7.88
N ARG A 141 14.71 -0.42 -8.86
CA ARG A 141 13.91 -0.26 -10.07
C ARG A 141 12.42 -0.29 -9.75
N VAL A 142 11.99 -1.25 -8.94
CA VAL A 142 10.57 -1.32 -8.55
C VAL A 142 10.17 -0.05 -7.79
N CYS A 143 11.04 0.42 -6.89
CA CYS A 143 10.75 1.65 -6.16
C CYS A 143 10.47 2.80 -7.12
N VAL A 144 11.40 3.03 -8.05
CA VAL A 144 11.28 4.14 -8.99
C VAL A 144 10.03 4.02 -9.83
N ASP A 145 9.67 2.80 -10.21
CA ASP A 145 8.53 2.57 -11.09
C ASP A 145 7.20 2.43 -10.36
N THR A 146 7.19 2.51 -9.03
CA THR A 146 5.98 2.32 -8.24
C THR A 146 5.66 3.50 -7.34
N VAL A 147 6.65 4.05 -6.67
CA VAL A 147 6.43 5.14 -5.72
C VAL A 147 6.35 6.44 -6.50
N ARG A 148 5.28 7.19 -6.24
CA ARG A 148 5.05 8.49 -6.83
C ARG A 148 5.23 9.63 -5.86
N THR A 149 5.23 9.34 -4.56
CA THR A 149 5.49 10.33 -3.54
C THR A 149 7.01 10.47 -3.36
N ASN A 150 7.42 11.39 -2.51
CA ASN A 150 8.83 11.76 -2.41
C ASN A 150 9.53 10.83 -1.43
N VAL A 151 10.46 10.04 -1.94
CA VAL A 151 11.13 9.02 -1.14
C VAL A 151 12.63 9.26 -1.12
N TYR A 152 13.17 9.27 0.10
CA TYR A 152 14.59 9.44 0.39
C TYR A 152 15.12 8.10 0.86
N LEU A 153 15.92 7.46 0.01
CA LEU A 153 16.41 6.12 0.26
C LEU A 153 17.77 6.18 0.94
N ALA A 154 17.90 5.46 2.04
CA ALA A 154 19.16 5.36 2.77
C ALA A 154 19.74 3.98 2.50
N VAL A 155 20.97 3.92 1.99
N VAL A 155 20.97 3.96 1.93
CA VAL A 155 21.64 2.67 1.71
CA VAL A 155 21.70 2.73 1.61
C VAL A 155 22.86 2.59 2.61
C VAL A 155 22.83 2.58 2.64
N PHE A 156 22.87 1.59 3.50
N PHE A 156 22.70 1.58 3.52
CA PHE A 156 23.91 1.50 4.53
CA PHE A 156 23.68 1.35 4.59
C PHE A 156 25.28 1.21 3.92
C PHE A 156 25.09 1.14 4.05
N ASP A 157 25.34 0.29 2.96
N ASP A 157 25.24 0.35 2.98
CA ASP A 157 26.61 -0.18 2.43
CA ASP A 157 26.57 -0.03 2.48
C ASP A 157 27.11 0.75 1.33
C ASP A 157 27.00 0.88 1.32
N LYS A 158 28.30 1.33 1.52
N LYS A 158 28.18 1.49 1.47
CA LYS A 158 28.86 2.26 0.52
CA LYS A 158 28.75 2.37 0.43
C LYS A 158 29.10 1.55 -0.81
C LYS A 158 28.99 1.60 -0.86
N ASN A 159 29.67 0.35 -0.76
N ASN A 159 29.63 0.43 -0.76
CA ASN A 159 29.90 -0.39 -2.00
CA ASN A 159 29.89 -0.40 -1.94
C ASN A 159 28.59 -0.61 -2.75
C ASN A 159 28.62 -0.64 -2.75
N LEU A 160 27.53 -0.99 -2.06
CA LEU A 160 26.25 -1.20 -2.74
C LEU A 160 25.70 0.12 -3.25
N TYR A 161 25.78 1.17 -2.44
CA TYR A 161 25.33 2.49 -2.89
C TYR A 161 25.98 2.87 -4.23
N ASP A 162 27.29 2.73 -4.33
CA ASP A 162 27.98 3.09 -5.57
C ASP A 162 27.51 2.23 -6.73
N LYS A 163 27.29 0.93 -6.48
CA LYS A 163 26.80 0.06 -7.54
C LYS A 163 25.39 0.46 -7.98
N LEU A 164 24.53 0.81 -7.02
CA LEU A 164 23.16 1.22 -7.35
C LEU A 164 23.15 2.48 -8.22
N VAL A 165 23.96 3.47 -7.87
CA VAL A 165 24.04 4.70 -8.65
C VAL A 165 24.61 4.40 -10.04
N SER A 166 25.73 3.68 -10.08
CA SER A 166 26.44 3.51 -11.36
C SER A 166 25.62 2.69 -12.35
N SER A 167 24.74 1.81 -11.87
CA SER A 167 23.96 0.95 -12.74
C SER A 167 22.54 1.48 -12.98
N PHE A 168 22.22 2.66 -12.45
CA PHE A 168 20.84 3.16 -12.52
C PHE A 168 20.53 3.64 -13.93
N LEU A 169 19.39 3.22 -14.46
CA LEU A 169 18.99 3.60 -15.79
C LEU A 169 17.97 4.72 -15.70
N SER B 1 -19.36 -25.19 1.29
CA SER B 1 -19.82 -23.80 1.03
C SER B 1 -19.11 -23.13 -0.14
N MET B 2 -19.90 -22.24 -0.74
CA MET B 2 -19.58 -21.53 -1.96
C MET B 2 -19.31 -20.06 -1.61
N VAL B 3 -18.04 -19.63 -1.71
CA VAL B 3 -17.63 -18.24 -1.59
C VAL B 3 -16.91 -17.87 -2.89
N ASN B 4 -16.93 -16.58 -3.23
CA ASN B 4 -16.26 -16.08 -4.43
C ASN B 4 -16.71 -16.83 -5.69
N SER B 5 -18.01 -17.07 -5.82
CA SER B 5 -18.57 -17.81 -6.96
C SER B 5 -19.08 -16.81 -8.00
N PHE B 6 -18.13 -16.15 -8.65
CA PHE B 6 -18.44 -15.16 -9.68
C PHE B 6 -18.83 -15.88 -10.97
N SER B 7 -19.90 -15.42 -11.61
CA SER B 7 -20.36 -15.97 -12.88
C SER B 7 -20.93 -14.90 -13.79
N GLY B 8 -20.75 -15.12 -15.09
CA GLY B 8 -21.26 -14.24 -16.13
C GLY B 8 -20.41 -13.03 -16.35
N TYR B 9 -19.15 -13.03 -15.89
CA TYR B 9 -18.26 -11.91 -16.12
C TYR B 9 -17.53 -12.04 -17.45
N LEU B 10 -17.30 -10.90 -18.05
CA LEU B 10 -16.52 -10.77 -19.26
C LEU B 10 -15.08 -10.43 -18.89
N LYS B 11 -14.15 -11.18 -19.45
N LYS B 11 -14.14 -11.20 -19.41
CA LYS B 11 -12.74 -11.00 -19.17
CA LYS B 11 -12.72 -11.00 -19.12
C LYS B 11 -12.22 -9.81 -19.97
C LYS B 11 -12.19 -9.85 -19.95
N LEU B 12 -11.64 -8.83 -19.29
CA LEU B 12 -10.97 -7.70 -19.95
C LEU B 12 -9.47 -7.91 -20.03
N THR B 13 -8.87 -8.32 -18.93
CA THR B 13 -7.46 -8.65 -18.86
C THR B 13 -7.35 -9.94 -18.04
N ASP B 14 -6.13 -10.41 -17.85
CA ASP B 14 -5.95 -11.66 -17.11
C ASP B 14 -6.47 -11.56 -15.69
N ASN B 15 -6.62 -10.34 -15.14
CA ASN B 15 -7.08 -10.21 -13.76
C ASN B 15 -8.27 -9.27 -13.56
N VAL B 16 -8.81 -8.67 -14.62
CA VAL B 16 -9.93 -7.73 -14.49
C VAL B 16 -11.10 -8.26 -15.30
N TYR B 17 -12.25 -8.39 -14.62
CA TYR B 17 -13.47 -8.95 -15.17
C TYR B 17 -14.59 -7.94 -14.94
N ILE B 18 -15.63 -7.99 -15.78
CA ILE B 18 -16.69 -6.99 -15.71
C ILE B 18 -18.04 -7.62 -16.01
N LYS B 19 -19.09 -7.12 -15.34
CA LYS B 19 -20.44 -7.64 -15.50
C LYS B 19 -21.43 -6.51 -15.34
N ASN B 20 -22.53 -6.58 -16.10
CA ASN B 20 -23.66 -5.67 -15.92
C ASN B 20 -24.51 -6.26 -14.79
N ALA B 21 -24.41 -5.65 -13.61
CA ALA B 21 -25.04 -6.21 -12.42
C ALA B 21 -25.16 -5.15 -11.34
N ASP B 22 -26.14 -5.36 -10.46
CA ASP B 22 -26.32 -4.61 -9.22
C ASP B 22 -25.38 -5.20 -8.17
N ILE B 23 -24.43 -4.39 -7.68
CA ILE B 23 -23.38 -4.91 -6.80
C ILE B 23 -23.93 -5.53 -5.51
N VAL B 24 -25.05 -5.02 -5.00
CA VAL B 24 -25.65 -5.61 -3.80
C VAL B 24 -26.17 -7.01 -4.13
N GLU B 25 -26.92 -7.14 -5.22
CA GLU B 25 -27.42 -8.44 -5.63
C GLU B 25 -26.27 -9.40 -5.93
N GLU B 26 -25.22 -8.89 -6.56
CA GLU B 26 -24.06 -9.71 -6.85
C GLU B 26 -23.40 -10.19 -5.56
N ALA B 27 -23.22 -9.28 -4.59
CA ALA B 27 -22.59 -9.68 -3.33
C ALA B 27 -23.38 -10.79 -2.67
N LYS B 28 -24.71 -10.67 -2.64
CA LYS B 28 -25.51 -11.67 -1.96
C LYS B 28 -25.43 -13.03 -2.65
N LYS B 29 -25.26 -13.05 -3.98
CA LYS B 29 -25.15 -14.29 -4.76
C LYS B 29 -23.74 -14.90 -4.70
N VAL B 30 -22.73 -14.07 -4.95
CA VAL B 30 -21.33 -14.51 -5.11
C VAL B 30 -20.73 -14.90 -3.77
N LYS B 31 -21.19 -14.29 -2.69
N LYS B 31 -21.18 -14.29 -2.72
CA LYS B 31 -20.61 -14.44 -1.36
CA LYS B 31 -20.62 -14.51 -1.41
C LYS B 31 -19.11 -14.17 -1.38
C LYS B 31 -19.11 -14.19 -1.43
N PRO B 32 -18.71 -12.94 -1.75
CA PRO B 32 -17.28 -12.64 -1.88
C PRO B 32 -16.60 -12.48 -0.52
N THR B 33 -15.31 -12.79 -0.49
CA THR B 33 -14.51 -12.45 0.69
C THR B 33 -14.47 -10.94 0.90
N VAL B 34 -14.40 -10.17 -0.18
CA VAL B 34 -14.27 -8.71 -0.09
C VAL B 34 -15.22 -8.06 -1.06
N VAL B 35 -16.07 -7.16 -0.57
CA VAL B 35 -16.78 -6.20 -1.42
C VAL B 35 -16.18 -4.83 -1.15
N VAL B 36 -15.93 -4.08 -2.22
CA VAL B 36 -15.40 -2.72 -2.13
C VAL B 36 -16.55 -1.73 -2.05
N ASN B 37 -16.45 -0.80 -1.12
CA ASN B 37 -17.34 0.35 -1.05
C ASN B 37 -16.66 1.58 -1.62
N ALA B 38 -17.44 2.34 -2.39
CA ALA B 38 -17.05 3.67 -2.88
C ALA B 38 -17.27 4.68 -1.75
N ALA B 39 -16.31 4.72 -0.82
CA ALA B 39 -16.42 5.47 0.42
C ALA B 39 -15.92 6.90 0.28
N ASN B 40 -16.26 7.70 1.28
CA ASN B 40 -15.66 9.01 1.51
C ASN B 40 -14.88 8.99 2.83
N VAL B 41 -14.14 10.06 3.09
CA VAL B 41 -13.16 10.01 4.19
C VAL B 41 -13.81 9.86 5.56
N TYR B 42 -15.05 10.30 5.73
CA TYR B 42 -15.74 10.16 7.01
C TYR B 42 -16.69 8.97 7.01
N LEU B 43 -16.63 8.12 5.99
CA LEU B 43 -17.45 6.91 5.94
C LEU B 43 -18.92 7.22 6.17
N LYS B 44 -19.41 8.29 5.53
CA LYS B 44 -20.82 8.67 5.55
C LYS B 44 -21.45 8.12 4.28
N HIS B 45 -22.23 7.05 4.44
CA HIS B 45 -22.67 6.23 3.31
C HIS B 45 -24.03 6.71 2.82
N GLY B 46 -24.03 7.87 2.16
CA GLY B 46 -25.28 8.50 1.78
C GLY B 46 -25.86 8.06 0.44
N GLY B 47 -25.04 8.06 -0.59
CA GLY B 47 -25.53 8.01 -1.95
C GLY B 47 -24.80 6.95 -2.75
N GLY B 48 -25.27 6.74 -3.98
CA GLY B 48 -24.58 5.83 -4.88
C GLY B 48 -24.35 4.47 -4.25
N VAL B 49 -23.18 3.90 -4.54
CA VAL B 49 -22.85 2.57 -4.06
C VAL B 49 -22.90 2.50 -2.55
N ALA B 50 -22.31 3.49 -1.86
CA ALA B 50 -22.23 3.40 -0.41
C ALA B 50 -23.62 3.41 0.22
N GLY B 51 -24.52 4.25 -0.31
CA GLY B 51 -25.87 4.25 0.22
C GLY B 51 -26.56 2.92 0.02
N ALA B 52 -26.36 2.30 -1.14
CA ALA B 52 -26.98 1.01 -1.42
C ALA B 52 -26.42 -0.09 -0.53
N LEU B 53 -25.09 -0.15 -0.38
CA LEU B 53 -24.51 -1.17 0.49
C LEU B 53 -25.00 -0.98 1.92
N ASN B 54 -24.98 0.25 2.42
CA ASN B 54 -25.40 0.48 3.80
C ASN B 54 -26.86 0.09 3.99
N LYS B 55 -27.72 0.48 3.06
CA LYS B 55 -29.13 0.11 3.15
C LYS B 55 -29.31 -1.40 3.21
N ALA B 56 -28.53 -2.15 2.42
CA ALA B 56 -28.66 -3.60 2.43
C ALA B 56 -28.30 -4.18 3.80
N THR B 57 -27.43 -3.51 4.54
CA THR B 57 -27.05 -3.93 5.89
C THR B 57 -28.00 -3.40 6.95
N ASN B 58 -29.10 -2.75 6.55
CA ASN B 58 -30.04 -2.18 7.52
C ASN B 58 -29.33 -1.19 8.45
N ASN B 59 -28.40 -0.42 7.89
CA ASN B 59 -27.67 0.66 8.58
C ASN B 59 -26.59 0.13 9.51
N ALA B 60 -26.37 -1.18 9.60
CA ALA B 60 -25.31 -1.68 10.46
C ALA B 60 -23.94 -1.20 10.00
N MET B 61 -23.74 -1.07 8.69
CA MET B 61 -22.48 -0.56 8.18
C MET B 61 -22.23 0.86 8.67
N GLN B 62 -23.26 1.73 8.67
CA GLN B 62 -23.07 3.11 9.12
C GLN B 62 -22.74 3.17 10.59
N VAL B 63 -23.42 2.35 11.42
CA VAL B 63 -23.14 2.37 12.86
C VAL B 63 -21.69 1.95 13.11
N GLU B 64 -21.27 0.86 12.44
CA GLU B 64 -19.89 0.39 12.59
C GLU B 64 -18.90 1.45 12.10
N SER B 65 -19.23 2.11 10.99
CA SER B 65 -18.35 3.13 10.42
C SER B 65 -18.20 4.32 11.35
N ASP B 66 -19.30 4.79 11.95
CA ASP B 66 -19.20 5.92 12.86
C ASP B 66 -18.31 5.59 14.06
N ASP B 67 -18.40 4.36 14.56
CA ASP B 67 -17.51 3.94 15.65
C ASP B 67 -16.06 3.91 15.19
N TYR B 68 -15.80 3.40 13.98
CA TYR B 68 -14.44 3.42 13.43
C TYR B 68 -13.89 4.84 13.38
N ILE B 69 -14.70 5.80 12.91
CA ILE B 69 -14.24 7.18 12.80
C ILE B 69 -13.97 7.77 14.19
N ALA B 70 -14.82 7.46 15.16
CA ALA B 70 -14.60 7.99 16.51
C ALA B 70 -13.24 7.54 17.03
N THR B 71 -12.86 6.29 16.73
CA THR B 71 -11.61 5.73 17.24
C THR B 71 -10.39 6.17 16.44
N ASN B 72 -10.54 6.31 15.12
CA ASN B 72 -9.41 6.43 14.20
C ASN B 72 -9.33 7.74 13.43
N GLY B 73 -10.41 8.53 13.40
CA GLY B 73 -10.45 9.70 12.56
C GLY B 73 -10.66 9.35 11.11
N PRO B 74 -10.78 10.38 10.28
CA PRO B 74 -11.10 10.15 8.86
C PRO B 74 -9.95 9.51 8.10
N LEU B 75 -10.33 8.82 7.02
CA LEU B 75 -9.37 8.29 6.07
C LEU B 75 -8.77 9.44 5.26
N LYS B 76 -7.71 9.11 4.51
CA LYS B 76 -7.15 9.96 3.46
C LYS B 76 -7.82 9.65 2.12
N VAL B 77 -7.99 10.67 1.27
CA VAL B 77 -8.34 10.39 -0.13
C VAL B 77 -7.24 9.54 -0.72
N GLY B 78 -7.62 8.44 -1.35
CA GLY B 78 -6.68 7.44 -1.85
C GLY B 78 -6.44 6.30 -0.89
N GLY B 79 -6.94 6.39 0.34
CA GLY B 79 -6.77 5.37 1.36
C GLY B 79 -7.98 4.45 1.51
N SER B 80 -7.86 3.54 2.48
CA SER B 80 -8.90 2.55 2.70
C SER B 80 -8.87 2.04 4.13
N CYS B 81 -9.95 1.35 4.51
CA CYS B 81 -9.96 0.55 5.72
C CYS B 81 -10.80 -0.69 5.48
N VAL B 82 -10.50 -1.73 6.24
CA VAL B 82 -11.25 -2.99 6.19
C VAL B 82 -12.20 -3.03 7.38
N LEU B 83 -13.49 -3.20 7.11
CA LEU B 83 -14.51 -3.38 8.12
C LEU B 83 -15.32 -4.63 7.79
N SER B 84 -16.33 -4.91 8.59
CA SER B 84 -17.16 -6.08 8.33
C SER B 84 -17.91 -5.95 7.01
N GLY B 85 -18.16 -7.09 6.37
CA GLY B 85 -19.04 -7.13 5.23
C GLY B 85 -20.49 -7.45 5.55
N HIS B 86 -20.85 -7.66 6.82
CA HIS B 86 -22.27 -7.79 7.21
C HIS B 86 -22.93 -8.91 6.42
N ASN B 87 -24.05 -8.67 5.77
CA ASN B 87 -24.75 -9.67 4.97
C ASN B 87 -24.31 -9.67 3.52
N LEU B 88 -23.21 -8.99 3.20
CA LEU B 88 -22.76 -8.84 1.81
C LEU B 88 -21.48 -9.61 1.51
N ALA B 89 -20.61 -9.78 2.48
CA ALA B 89 -19.27 -10.28 2.23
C ALA B 89 -18.63 -10.58 3.56
N LYS B 90 -17.49 -11.27 3.54
CA LYS B 90 -16.75 -11.40 4.78
C LYS B 90 -16.29 -10.02 5.26
N HIS B 91 -15.71 -9.24 4.35
CA HIS B 91 -15.17 -7.93 4.65
C HIS B 91 -15.70 -6.92 3.65
N CYS B 92 -15.81 -5.67 4.10
CA CYS B 92 -15.98 -4.53 3.19
C CYS B 92 -14.70 -3.71 3.22
N LEU B 93 -14.09 -3.54 2.06
CA LEU B 93 -12.96 -2.65 1.89
C LEU B 93 -13.50 -1.29 1.48
N HIS B 94 -13.46 -0.34 2.41
CA HIS B 94 -13.93 1.03 2.14
C HIS B 94 -12.78 1.79 1.51
N VAL B 95 -12.90 2.14 0.22
CA VAL B 95 -11.83 2.81 -0.51
C VAL B 95 -12.29 4.19 -0.92
N VAL B 96 -11.46 5.19 -0.67
CA VAL B 96 -11.80 6.58 -0.99
C VAL B 96 -11.11 6.98 -2.28
N GLY B 97 -11.86 7.02 -3.39
CA GLY B 97 -11.39 7.63 -4.61
C GLY B 97 -11.60 9.13 -4.56
N PRO B 98 -10.87 9.88 -5.38
CA PRO B 98 -11.11 11.32 -5.47
C PRO B 98 -12.49 11.61 -6.03
N ASN B 99 -13.15 12.59 -5.43
CA ASN B 99 -14.45 13.07 -5.89
C ASN B 99 -14.23 14.33 -6.72
N VAL B 100 -14.26 14.17 -8.05
CA VAL B 100 -14.06 15.28 -8.99
C VAL B 100 -15.18 16.31 -8.83
N ASN B 101 -16.39 15.90 -8.44
CA ASN B 101 -17.49 16.84 -8.19
C ASN B 101 -17.21 17.72 -6.98
N LYS B 102 -16.22 17.37 -6.18
CA LYS B 102 -15.77 18.17 -5.05
C LYS B 102 -14.39 18.79 -5.29
N GLY B 103 -13.90 18.72 -6.53
CA GLY B 103 -12.63 19.32 -6.92
C GLY B 103 -11.40 18.55 -6.48
N GLU B 104 -11.52 17.26 -6.16
CA GLU B 104 -10.37 16.50 -5.68
C GLU B 104 -9.56 16.02 -6.87
N ASP B 105 -8.28 15.82 -6.63
N ASP B 105 -8.26 15.83 -6.65
CA ASP B 105 -7.36 15.56 -7.72
CA ASP B 105 -7.34 15.56 -7.75
C ASP B 105 -7.57 14.15 -8.27
C ASP B 105 -7.53 14.15 -8.28
N ILE B 106 -7.98 14.05 -9.53
CA ILE B 106 -8.18 12.77 -10.20
C ILE B 106 -6.90 11.94 -10.20
N GLN B 107 -5.74 12.58 -10.07
CA GLN B 107 -4.47 11.85 -10.00
C GLN B 107 -4.42 10.87 -8.83
N LEU B 108 -5.23 11.07 -7.78
CA LEU B 108 -5.26 10.19 -6.61
C LEU B 108 -5.98 8.88 -6.87
N LEU B 109 -6.57 8.72 -8.05
CA LEU B 109 -7.29 7.51 -8.37
C LEU B 109 -6.37 6.30 -8.41
N LYS B 110 -5.13 6.46 -8.89
CA LYS B 110 -4.22 5.32 -8.92
C LYS B 110 -3.93 4.83 -7.50
N SER B 111 -3.62 5.77 -6.57
CA SER B 111 -3.41 5.38 -5.18
C SER B 111 -4.62 4.64 -4.62
N ALA B 112 -5.83 5.12 -4.94
CA ALA B 112 -7.04 4.45 -4.45
C ALA B 112 -7.10 3.01 -4.95
N TYR B 113 -6.85 2.78 -6.24
CA TYR B 113 -6.88 1.42 -6.77
C TYR B 113 -5.77 0.53 -6.18
N GLU B 114 -4.64 1.10 -5.80
CA GLU B 114 -3.58 0.28 -5.22
C GLU B 114 -4.04 -0.47 -3.99
N ASN B 115 -5.05 0.05 -3.27
CA ASN B 115 -5.56 -0.67 -2.11
C ASN B 115 -6.08 -2.06 -2.50
N PHE B 116 -6.58 -2.22 -3.73
CA PHE B 116 -7.13 -3.50 -4.15
C PHE B 116 -6.06 -4.58 -4.15
N ASN B 117 -4.79 -4.21 -4.35
CA ASN B 117 -3.71 -5.19 -4.45
C ASN B 117 -3.42 -5.90 -3.14
N GLN B 118 -4.00 -5.44 -2.03
CA GLN B 118 -3.85 -6.12 -0.75
C GLN B 118 -4.86 -7.25 -0.56
N HIS B 119 -5.66 -7.56 -1.58
CA HIS B 119 -6.69 -8.60 -1.50
C HIS B 119 -6.63 -9.44 -2.76
N GLU B 120 -6.63 -10.77 -2.60
CA GLU B 120 -6.42 -11.64 -3.76
C GLU B 120 -7.59 -11.58 -4.74
N VAL B 121 -8.81 -11.39 -4.25
CA VAL B 121 -10.00 -11.32 -5.09
C VAL B 121 -11.01 -10.38 -4.45
N LEU B 122 -11.65 -9.54 -5.28
CA LEU B 122 -12.58 -8.52 -4.80
C LEU B 122 -13.74 -8.38 -5.78
N LEU B 123 -14.93 -8.11 -5.23
CA LEU B 123 -16.07 -7.57 -5.97
C LEU B 123 -16.07 -6.06 -5.77
N ALA B 124 -16.14 -5.29 -6.86
CA ALA B 124 -15.92 -3.86 -6.72
C ALA B 124 -16.72 -3.04 -7.72
N PRO B 125 -17.01 -1.79 -7.39
CA PRO B 125 -17.45 -0.80 -8.37
C PRO B 125 -16.24 -0.09 -8.96
N LEU B 126 -16.46 0.65 -10.05
CA LEU B 126 -15.43 1.54 -10.58
C LEU B 126 -15.26 2.74 -9.66
N LEU B 127 -14.04 2.92 -9.16
CA LEU B 127 -13.78 3.99 -8.23
C LEU B 127 -13.89 5.35 -8.91
N SER B 128 -14.38 6.32 -8.16
CA SER B 128 -14.55 7.72 -8.56
C SER B 128 -15.58 7.89 -9.66
N ALA B 129 -16.30 6.83 -10.06
CA ALA B 129 -17.35 6.94 -11.06
C ALA B 129 -18.64 7.46 -10.43
N GLY B 130 -19.64 7.67 -11.28
CA GLY B 130 -20.97 7.97 -10.81
C GLY B 130 -21.00 9.29 -10.09
N ILE B 131 -21.51 9.25 -8.86
CA ILE B 131 -21.69 10.49 -8.10
C ILE B 131 -20.36 11.13 -7.73
N PHE B 132 -19.23 10.41 -7.90
CA PHE B 132 -17.91 11.00 -7.66
C PHE B 132 -17.39 11.76 -8.88
N GLY B 133 -18.02 11.65 -10.06
CA GLY B 133 -17.79 12.57 -11.16
C GLY B 133 -16.65 12.29 -12.11
N ALA B 134 -15.85 11.24 -11.91
CA ALA B 134 -14.79 10.94 -12.88
C ALA B 134 -15.37 10.23 -14.10
N ASP B 135 -14.62 10.27 -15.19
CA ASP B 135 -14.97 9.54 -16.40
C ASP B 135 -14.84 8.04 -16.12
N PRO B 136 -15.92 7.26 -16.21
CA PRO B 136 -15.78 5.82 -15.90
C PRO B 136 -14.84 5.12 -16.85
N ILE B 137 -14.68 5.61 -18.09
CA ILE B 137 -13.71 5.01 -19.01
C ILE B 137 -12.31 5.17 -18.46
N HIS B 138 -12.02 6.33 -17.90
CA HIS B 138 -10.72 6.55 -17.26
C HIS B 138 -10.57 5.70 -16.01
N SER B 139 -11.63 5.55 -15.22
CA SER B 139 -11.51 4.74 -14.03
C SER B 139 -11.19 3.29 -14.38
N LEU B 140 -11.81 2.77 -15.44
CA LEU B 140 -11.49 1.41 -15.88
C LEU B 140 -10.05 1.32 -16.34
N ARG B 141 -9.56 2.34 -17.06
CA ARG B 141 -8.16 2.40 -17.49
C ARG B 141 -7.22 2.31 -16.30
N VAL B 142 -7.45 3.15 -15.29
CA VAL B 142 -6.58 3.13 -14.12
C VAL B 142 -6.69 1.79 -13.40
N CYS B 143 -7.89 1.24 -13.32
CA CYS B 143 -8.05 -0.08 -12.69
C CYS B 143 -7.18 -1.11 -13.38
N VAL B 144 -7.29 -1.21 -14.70
CA VAL B 144 -6.54 -2.23 -15.43
C VAL B 144 -5.05 -2.00 -15.31
N ASP B 145 -4.61 -0.76 -15.25
CA ASP B 145 -3.19 -0.44 -15.23
C ASP B 145 -2.61 -0.45 -13.82
N THR B 146 -3.44 -0.65 -12.80
CA THR B 146 -2.99 -0.59 -11.41
C THR B 146 -3.23 -1.87 -10.63
N VAL B 147 -4.41 -2.47 -10.78
CA VAL B 147 -4.77 -3.64 -10.00
C VAL B 147 -4.16 -4.86 -10.67
N ARG B 148 -3.51 -5.69 -9.85
CA ARG B 148 -2.92 -6.94 -10.30
C ARG B 148 -3.61 -8.17 -9.71
N THR B 149 -4.37 -8.00 -8.63
CA THR B 149 -5.17 -9.08 -8.05
C THR B 149 -6.47 -9.18 -8.83
N ASN B 150 -7.29 -10.16 -8.49
CA ASN B 150 -8.46 -10.49 -9.31
C ASN B 150 -9.62 -9.60 -8.91
N VAL B 151 -10.05 -8.73 -9.81
CA VAL B 151 -11.11 -7.79 -9.51
C VAL B 151 -12.27 -8.02 -10.46
N TYR B 152 -13.45 -8.17 -9.87
CA TYR B 152 -14.72 -8.41 -10.54
C TYR B 152 -15.55 -7.13 -10.40
N LEU B 153 -15.69 -6.40 -11.51
CA LEU B 153 -16.34 -5.10 -11.52
C LEU B 153 -17.82 -5.27 -11.85
N ALA B 154 -18.67 -4.64 -11.06
CA ALA B 154 -20.11 -4.63 -11.28
C ALA B 154 -20.52 -3.23 -11.75
N VAL B 155 -21.15 -3.18 -12.91
CA VAL B 155 -21.63 -1.94 -13.51
C VAL B 155 -23.14 -2.05 -13.63
N PHE B 156 -23.87 -1.17 -12.94
CA PHE B 156 -25.32 -1.28 -12.85
C PHE B 156 -26.03 -1.00 -14.18
N ASP B 157 -25.67 0.08 -14.84
CA ASP B 157 -26.40 0.49 -16.04
C ASP B 157 -25.87 -0.26 -17.27
N LYS B 158 -26.74 -1.03 -17.94
CA LYS B 158 -26.36 -1.74 -19.17
C LYS B 158 -25.72 -0.80 -20.20
N ASN B 159 -26.23 0.43 -20.32
CA ASN B 159 -25.71 1.33 -21.34
C ASN B 159 -24.30 1.81 -21.00
N LEU B 160 -23.98 1.98 -19.70
CA LEU B 160 -22.62 2.31 -19.34
C LEU B 160 -21.71 1.09 -19.51
N TYR B 161 -22.21 -0.08 -19.11
CA TYR B 161 -21.46 -1.32 -19.32
C TYR B 161 -21.06 -1.44 -20.78
N ASP B 162 -22.02 -1.25 -21.69
CA ASP B 162 -21.72 -1.37 -23.11
C ASP B 162 -20.68 -0.34 -23.56
N LYS B 163 -20.78 0.90 -23.06
CA LYS B 163 -19.80 1.92 -23.41
C LYS B 163 -18.41 1.54 -22.91
N LEU B 164 -18.32 0.98 -21.71
CA LEU B 164 -17.04 0.57 -21.13
C LEU B 164 -16.42 -0.59 -21.91
N VAL B 165 -17.22 -1.62 -22.20
CA VAL B 165 -16.70 -2.81 -22.88
C VAL B 165 -16.35 -2.47 -24.32
N SER B 166 -17.25 -1.75 -25.00
CA SER B 166 -17.10 -1.50 -26.42
C SER B 166 -15.89 -0.61 -26.71
N SER B 167 -15.54 0.27 -25.77
CA SER B 167 -14.42 1.20 -25.93
C SER B 167 -13.11 0.71 -25.32
N PHE B 168 -13.12 -0.41 -24.59
CA PHE B 168 -11.90 -0.86 -23.91
C PHE B 168 -10.86 -1.31 -24.91
N LEU B 169 -11.31 -1.90 -26.01
CA LEU B 169 -10.43 -2.43 -27.04
C LEU B 169 -11.05 -2.36 -28.43
C18 S1X C . 24.52 1.65 13.99
C16 S1X C . 23.02 1.46 13.79
C17 S1X C . 23.69 0.98 15.08
C15 S1X C . 22.65 0.34 12.79
C13 S1X C . 21.69 -0.23 10.46
C12 S1X C . 21.82 -1.61 10.62
C11 S1X C . 21.44 -2.48 9.59
C10 S1X C . 20.93 -1.96 8.40
C20 S1X C . 21.17 0.28 9.27
C02 S1X C . 19.72 -0.61 3.72
C03 S1X C . 19.01 -1.96 3.80
C04 S1X C . 19.18 -2.70 2.49
C05 S1X C . 20.51 -3.46 2.64
C06 S1X C . 20.80 -3.57 3.99
C07 S1X C . 19.67 -2.90 4.79
C09 S1X C . 20.48 -2.86 7.22
C21 S1X C . 20.80 -0.58 8.26
C23 S1X C . 21.98 -4.24 4.39
C24 S1X C . 22.84 -4.77 3.43
C25 S1X C . 22.53 -4.65 2.07
C26 S1X C . 21.37 -3.99 1.68
N08 S1X C . 20.12 -2.19 5.97
N14 S1X C . 22.07 0.73 11.50
O01 S1X C . 19.53 0.25 4.62
O19 S1X C . 22.83 -0.79 13.09
O22 S1X C . 20.45 -4.05 7.33
O27 S1X C . 20.51 -0.36 2.76
H181 S1X C . 24.83 2.67 14.17
H182 S1X C . 25.15 0.98 13.40
H161 S1X C . 22.42 2.36 13.86
H172 S1X C . 23.83 -0.09 15.19
H171 S1X C . 23.51 1.59 15.96
H121 S1X C . 22.21 -2.03 11.54
H111 S1X C . 21.55 -3.56 9.72
H201 S1X C . 21.08 1.36 9.15
H031 S1X C . 17.95 -1.85 4.03
H042 S1X C . 18.37 -3.41 2.38
H041 S1X C . 19.24 -2.00 1.65
H071 S1X C . 18.95 -3.66 5.10
H211 S1X C . 20.41 -0.16 7.33
H231 S1X C . 22.21 -4.33 5.45
H241 S1X C . 23.75 -5.28 3.74
H251 S1X C . 23.21 -5.07 1.33
H261 S1X C . 21.13 -3.90 0.62
H081 S1X C . 20.16 -1.19 5.95
H141 S1X C . 21.95 1.72 11.30
C02 S2R D . 20.80 -1.30 3.30
C03 S2R D . 20.01 -2.62 3.40
C04 S2R D . 18.53 -2.39 3.21
C05 S2R D . 17.87 -3.50 4.10
C06 S2R D . 18.82 -4.00 5.00
C07 S2R D . 20.14 -3.27 4.76
C09 S2R D . 20.62 -2.88 7.20
C10 S2R D . 20.96 -1.92 8.37
C11 S2R D . 21.45 -2.43 9.55
C12 S2R D . 21.79 -1.58 10.59
C13 S2R D . 21.64 -0.20 10.42
C15 S2R D . 22.61 0.36 12.76
C16 S2R D . 22.95 1.45 13.78
C17 S2R D . 24.45 1.71 13.95
C18 S2R D . 23.67 0.98 15.05
C20 S2R D . 21.16 0.31 9.23
C21 S2R D . 20.82 -0.55 8.19
C23 S2R D . 18.47 -5.01 5.90
C24 S2R D . 17.17 -5.51 5.91
C25 S2R D . 16.22 -5.00 5.01
C26 S2R D . 16.57 -4.00 4.12
N08 S2R D . 20.43 -2.33 5.84
N14 S2R D . 21.99 0.76 11.49
O01 S2R D . 22.03 -1.29 3.60
O19 S2R D . 22.85 -0.78 13.03
O22 S2R D . 20.57 -4.04 7.43
O27 S2R D . 20.23 -0.24 2.93
H031 S2R D . 20.35 -3.32 2.64
H042 S2R D . 18.25 -1.40 3.59
H041 S2R D . 18.26 -2.54 2.17
H071 S2R D . 20.95 -3.99 4.71
H111 S2R D . 21.56 -3.51 9.69
H121 S2R D . 22.16 -1.99 11.52
H161 S2R D . 22.31 2.32 13.88
H172 S2R D . 24.72 2.74 14.18
H171 S2R D . 25.10 1.10 13.34
H182 S2R D . 23.85 -0.09 15.12
H181 S2R D . 23.47 1.55 15.94
H201 S2R D . 21.03 1.38 9.10
H211 S2R D . 20.43 -0.16 7.25
H231 S2R D . 19.19 -5.40 6.60
H241 S2R D . 16.90 -6.30 6.61
H251 S2R D . 15.21 -5.40 5.02
H261 S2R D . 15.83 -3.61 3.42
H081 S2R D . 20.50 -1.35 5.69
H141 S2R D . 21.84 1.74 11.32
#